data_3QKC
#
_entry.id   3QKC
#
_cell.length_a   43.199
_cell.length_b   48.789
_cell.length_c   61.593
_cell.angle_alpha   66.690
_cell.angle_beta   89.280
_cell.angle_gamma   89.980
#
_symmetry.space_group_name_H-M   'P 1'
#
loop_
_entity.id
_entity.type
_entity.pdbx_description
1 polymer 'Geranyl diphosphate synthase small subunit'
2 water water
#
_entity_poly.entity_id   1
_entity_poly.type   'polypeptide(L)'
_entity_poly.pdbx_seq_one_letter_code
;MSLTRTQTYRATIESDIESYLKKAIPIRAPESVFEPMHHLTFAAPRTSASALCVAACELVGGDRSDAMAAAAAVHLMHVA
AYTHENLPLTDGPMSKSEIQHKFDPNIELLTGDGIIPFGLELMARSMDPTRNNPDRILRAIIELTRVMGSEGIVEGQYHE
LGLNQLNDLELIEYVCKKKEGTLHACGAACGAILGGCDEDKIEKLRRFGLYVGTVQGLLGKNRSGFEGRIKELKELAVKE
LESFGGEKIELIRGVFELEHSLAGVEGHHHHHH
;
_entity_poly.pdbx_strand_id   B,A
#
# COMPACT_ATOMS: atom_id res chain seq x y z
N LEU A 3 19.07 26.14 19.50
CA LEU A 3 19.24 24.67 19.21
C LEU A 3 20.72 24.26 19.03
N THR A 4 21.01 22.99 19.36
CA THR A 4 22.34 22.43 19.17
C THR A 4 22.49 22.10 17.69
N ARG A 5 23.71 21.71 17.29
CA ARG A 5 23.97 21.26 15.92
C ARG A 5 23.07 20.07 15.57
N THR A 6 23.00 19.13 16.49
CA THR A 6 22.18 17.94 16.37
C THR A 6 20.69 18.26 16.17
N GLN A 7 20.12 19.07 17.07
CA GLN A 7 18.70 19.47 16.98
C GLN A 7 18.39 20.21 15.67
N THR A 8 19.22 21.21 15.35
CA THR A 8 19.13 21.94 14.10
C THR A 8 19.14 20.96 12.93
N TYR A 9 20.02 19.96 12.99
CA TYR A 9 20.13 18.97 11.94
C TYR A 9 18.86 18.12 11.81
N ARG A 10 18.31 17.67 12.94
CA ARG A 10 17.08 16.89 12.89
C ARG A 10 15.93 17.74 12.37
N ALA A 11 15.77 18.93 12.94
CA ALA A 11 14.68 19.83 12.56
C ALA A 11 14.70 20.26 11.09
N THR A 12 15.88 20.55 10.55
CA THR A 12 16.01 20.90 9.13
C THR A 12 15.57 19.75 8.23
N ILE A 13 16.04 18.54 8.54
CA ILE A 13 15.57 17.33 7.86
C ILE A 13 14.06 17.24 7.90
N GLU A 14 13.50 17.41 9.09
CA GLU A 14 12.06 17.32 9.27
C GLU A 14 11.29 18.42 8.57
N SER A 15 11.90 19.60 8.47
CA SER A 15 11.34 20.70 7.69
C SER A 15 11.36 20.39 6.19
N ASP A 16 12.45 19.81 5.71
CA ASP A 16 12.56 19.44 4.30
C ASP A 16 11.55 18.35 3.92
N ILE A 17 11.37 17.38 4.81
CA ILE A 17 10.37 16.34 4.60
C ILE A 17 8.96 16.93 4.51
N GLU A 18 8.60 17.76 5.49
CA GLU A 18 7.28 18.37 5.52
C GLU A 18 7.00 19.23 4.26
N SER A 19 8.00 19.97 3.83
CA SER A 19 7.88 20.80 2.62
C SER A 19 7.74 19.93 1.37
N TYR A 20 8.41 18.78 1.37
CA TYR A 20 8.29 17.85 0.27
C TYR A 20 6.87 17.27 0.18
N LEU A 21 6.32 16.91 1.33
CA LEU A 21 4.97 16.37 1.38
C LEU A 21 3.92 17.42 1.02
N LYS A 22 4.18 18.68 1.37
CA LYS A 22 3.21 19.74 1.11
C LYS A 22 3.05 20.05 -0.38
N LYS A 23 4.12 19.83 -1.12
CA LYS A 23 4.10 19.88 -2.57
C LYS A 23 3.26 18.74 -3.20
N ALA A 24 3.11 17.62 -2.50
CA ALA A 24 2.41 16.45 -3.06
C ALA A 24 0.94 16.29 -2.66
N ILE A 25 0.57 16.86 -1.51
CA ILE A 25 -0.76 16.68 -0.92
C ILE A 25 -1.42 18.03 -0.61
N PRO A 26 -2.21 18.56 -1.57
CA PRO A 26 -2.81 19.88 -1.38
C PRO A 26 -3.94 19.79 -0.36
N ILE A 27 -4.20 20.87 0.36
CA ILE A 27 -5.34 20.82 1.27
C ILE A 27 -6.61 20.81 0.40
N ARG A 28 -6.39 20.85 -0.92
CA ARG A 28 -7.37 21.10 -1.99
C ARG A 28 -8.73 20.46 -1.78
N ALA A 29 -9.48 21.09 -0.89
CA ALA A 29 -10.66 20.51 -0.28
C ALA A 29 -10.98 21.42 0.90
N PRO A 30 -12.08 21.20 1.64
CA PRO A 30 -13.21 20.24 1.64
C PRO A 30 -13.53 19.54 0.33
N GLU A 31 -13.37 18.22 0.33
CA GLU A 31 -13.73 17.32 -0.79
C GLU A 31 -12.54 16.60 -1.43
N SER A 32 -12.86 15.49 -2.11
CA SER A 32 -11.91 14.48 -2.52
C SER A 32 -11.19 14.06 -1.24
N VAL A 33 -10.52 12.91 -1.29
CA VAL A 33 -9.77 12.43 -0.15
C VAL A 33 -8.72 13.41 0.30
N PHE A 34 -8.49 14.47 -0.48
CA PHE A 34 -7.32 15.29 -0.21
C PHE A 34 -7.36 16.07 1.09
N GLU A 35 -8.55 16.56 1.45
CA GLU A 35 -8.75 17.23 2.72
C GLU A 35 -8.39 16.35 3.93
N PRO A 36 -9.08 15.20 4.12
CA PRO A 36 -8.61 14.37 5.27
C PRO A 36 -7.17 13.84 5.11
N MET A 37 -6.72 13.61 3.88
CA MET A 37 -5.31 13.21 3.66
C MET A 37 -4.30 14.29 4.07
N HIS A 38 -4.53 15.52 3.66
CA HIS A 38 -3.67 16.62 4.06
C HIS A 38 -3.71 16.83 5.57
N HIS A 39 -4.91 16.88 6.13
CA HIS A 39 -5.04 17.09 7.56
C HIS A 39 -4.32 16.03 8.42
N LEU A 40 -4.59 14.75 8.18
CA LEU A 40 -4.05 13.68 9.04
C LEU A 40 -2.54 13.59 8.96
N THR A 41 -1.98 13.81 7.78
CA THR A 41 -0.55 13.76 7.54
C THR A 41 0.22 14.78 8.38
N PHE A 42 -0.24 16.02 8.39
CA PHE A 42 0.45 17.09 9.12
C PHE A 42 -0.03 17.32 10.56
N ALA A 43 -1.13 16.68 10.95
CA ALA A 43 -1.53 16.72 12.36
C ALA A 43 -0.89 15.58 13.16
N ALA A 44 -0.44 14.53 12.47
CA ALA A 44 0.06 13.35 13.16
C ALA A 44 1.41 13.63 13.85
N PRO A 45 1.66 12.99 15.01
CA PRO A 45 3.02 13.08 15.59
C PRO A 45 4.04 12.58 14.58
N ARG A 46 5.23 13.18 14.57
CA ARG A 46 6.27 12.76 13.64
C ARG A 46 6.92 11.48 14.17
N THR A 47 7.63 10.76 13.33
CA THR A 47 8.47 9.68 13.81
C THR A 47 9.89 9.96 13.39
N SER A 48 10.84 9.69 14.31
CA SER A 48 12.27 9.84 14.04
C SER A 48 12.79 8.90 12.95
N ALA A 49 12.00 7.88 12.61
CA ALA A 49 12.29 6.96 11.48
C ALA A 49 12.42 7.68 10.15
N SER A 50 11.62 8.72 9.95
CA SER A 50 11.72 9.58 8.76
C SER A 50 13.04 10.34 8.66
N ALA A 51 13.47 10.94 9.76
CA ALA A 51 14.77 11.64 9.72
C ALA A 51 15.93 10.65 9.59
N LEU A 52 15.82 9.47 10.20
CA LEU A 52 16.90 8.47 10.06
C LEU A 52 17.11 8.10 8.59
N CYS A 53 16.02 7.99 7.84
CA CYS A 53 16.10 7.72 6.41
C CYS A 53 17.02 8.70 5.70
N VAL A 54 16.78 9.99 5.89
CA VAL A 54 17.62 11.00 5.26
C VAL A 54 19.08 10.94 5.75
N ALA A 55 19.24 10.80 7.08
CA ALA A 55 20.56 10.81 7.71
C ALA A 55 21.39 9.61 7.31
N ALA A 56 20.73 8.46 7.13
CA ALA A 56 21.39 7.24 6.70
C ALA A 56 21.92 7.39 5.28
N CYS A 57 21.13 8.04 4.43
CA CYS A 57 21.49 8.34 3.04
C CYS A 57 22.71 9.26 2.95
N GLU A 58 22.72 10.29 3.78
CA GLU A 58 23.84 11.23 3.84
C GLU A 58 25.11 10.59 4.41
N LEU A 59 24.94 9.85 5.50
CA LEU A 59 26.01 9.02 6.07
C LEU A 59 26.85 8.29 5.02
N VAL A 60 26.22 7.77 3.97
CA VAL A 60 26.94 6.96 2.96
C VAL A 60 27.26 7.71 1.67
N GLY A 61 26.98 9.02 1.65
CA GLY A 61 27.35 9.86 0.52
C GLY A 61 26.23 10.29 -0.44
N GLY A 62 24.97 10.03 -0.09
CA GLY A 62 23.85 10.53 -0.90
C GLY A 62 23.57 12.00 -0.66
N ASP A 63 22.87 12.64 -1.61
CA ASP A 63 22.28 13.95 -1.34
C ASP A 63 20.93 13.69 -0.69
N ARG A 64 20.39 14.67 0.01
CA ARG A 64 19.12 14.46 0.66
C ARG A 64 17.92 14.42 -0.30
N SER A 65 18.08 14.99 -1.50
CA SER A 65 17.03 14.89 -2.51
C SER A 65 16.83 13.45 -2.99
N ASP A 66 17.88 12.64 -2.82
CA ASP A 66 17.86 11.21 -3.18
C ASP A 66 16.97 10.36 -2.26
N ALA A 67 16.76 10.84 -1.02
CA ALA A 67 16.03 10.08 0.01
C ALA A 67 14.73 10.75 0.45
N MET A 68 14.43 11.91 -0.13
CA MET A 68 13.30 12.75 0.29
C MET A 68 11.98 12.01 0.10
N ALA A 69 11.82 11.35 -1.04
CA ALA A 69 10.60 10.56 -1.31
C ALA A 69 10.43 9.39 -0.34
N ALA A 70 11.51 8.65 -0.10
CA ALA A 70 11.53 7.53 0.86
C ALA A 70 11.19 8.00 2.29
N ALA A 71 11.84 9.09 2.72
CA ALA A 71 11.64 9.63 4.05
C ALA A 71 10.19 10.02 4.27
N ALA A 72 9.59 10.60 3.22
CA ALA A 72 8.19 11.02 3.20
C ALA A 72 7.25 9.82 3.20
N ALA A 73 7.60 8.80 2.42
CA ALA A 73 6.84 7.56 2.42
C ALA A 73 6.86 6.91 3.82
N VAL A 74 8.02 6.96 4.49
CA VAL A 74 8.14 6.41 5.84
C VAL A 74 7.16 7.11 6.78
N HIS A 75 7.15 8.45 6.69
CA HIS A 75 6.26 9.26 7.49
C HIS A 75 4.82 8.87 7.24
N LEU A 76 4.46 8.70 5.96
CA LEU A 76 3.09 8.31 5.57
C LEU A 76 2.69 6.92 6.05
N MET A 77 3.60 5.94 6.00
CA MET A 77 3.25 4.60 6.52
C MET A 77 2.87 4.76 7.97
N HIS A 78 3.68 5.53 8.69
CA HIS A 78 3.47 5.83 10.10
C HIS A 78 2.13 6.50 10.35
N VAL A 79 1.81 7.50 9.51
CA VAL A 79 0.52 8.20 9.57
C VAL A 79 -0.61 7.23 9.31
N ALA A 80 -0.45 6.36 8.31
CA ALA A 80 -1.51 5.39 8.04
C ALA A 80 -1.75 4.46 9.26
N ALA A 81 -0.68 3.90 9.81
CA ALA A 81 -0.75 3.09 11.03
C ALA A 81 -1.39 3.85 12.22
N TYR A 82 -0.90 5.06 12.49
CA TYR A 82 -1.39 5.90 13.58
C TYR A 82 -2.90 6.14 13.46
N THR A 83 -3.33 6.55 12.27
CA THR A 83 -4.74 6.79 11.98
C THR A 83 -5.60 5.55 12.23
N HIS A 84 -5.16 4.42 11.71
CA HIS A 84 -5.94 3.20 11.89
C HIS A 84 -5.96 2.67 13.32
N GLU A 85 -4.87 2.90 14.06
CA GLU A 85 -4.76 2.52 15.45
C GLU A 85 -5.69 3.33 16.36
N ASN A 86 -5.95 4.58 15.98
CA ASN A 86 -6.79 5.47 16.76
C ASN A 86 -8.19 5.51 16.19
N LEU A 87 -8.43 4.68 15.18
CA LEU A 87 -9.74 4.61 14.54
C LEU A 87 -10.82 4.00 15.47
N PRO A 88 -11.88 4.76 15.77
CA PRO A 88 -12.98 4.21 16.59
C PRO A 88 -13.75 3.11 15.86
N LEU A 89 -13.73 1.91 16.41
CA LEU A 89 -14.49 0.80 15.84
C LEU A 89 -15.81 0.60 16.60
N THR A 90 -16.39 -0.60 16.47
CA THR A 90 -17.55 -1.02 17.26
C THR A 90 -17.29 -0.74 18.74
N ASP A 91 -16.16 -1.25 19.24
CA ASP A 91 -15.79 -1.09 20.64
C ASP A 91 -14.63 -0.09 20.85
N GLY A 92 -14.70 1.03 20.13
CA GLY A 92 -13.67 2.07 20.20
C GLY A 92 -12.40 1.74 19.42
N PRO A 93 -11.34 2.53 19.63
CA PRO A 93 -10.12 2.31 18.88
C PRO A 93 -9.19 1.26 19.50
N MET A 94 -8.20 0.82 18.73
CA MET A 94 -7.23 -0.15 19.20
C MET A 94 -6.31 0.48 20.26
N SER A 95 -6.00 1.76 20.09
CA SER A 95 -5.18 2.49 21.05
C SER A 95 -6.07 3.06 22.18
N LYS A 96 -5.68 2.82 23.42
CA LYS A 96 -6.49 3.25 24.58
C LYS A 96 -6.28 4.72 24.96
N SER A 97 -5.16 5.29 24.50
CA SER A 97 -4.89 6.71 24.69
C SER A 97 -5.59 7.49 23.57
N GLU A 98 -6.69 8.15 23.94
CA GLU A 98 -7.59 8.79 22.98
C GLU A 98 -7.00 10.05 22.37
N ILE A 99 -7.42 10.36 21.15
CA ILE A 99 -7.01 11.57 20.47
C ILE A 99 -8.24 12.34 19.99
N GLN A 100 -8.04 13.56 19.50
CA GLN A 100 -9.13 14.28 18.88
C GLN A 100 -9.25 13.89 17.41
N HIS A 101 -10.49 13.80 16.94
CA HIS A 101 -10.81 13.46 15.57
C HIS A 101 -11.62 14.59 14.93
N LYS A 102 -11.06 15.23 13.92
CA LYS A 102 -11.76 16.23 13.12
C LYS A 102 -12.69 15.59 12.08
N PHE A 103 -12.47 14.31 11.79
CA PHE A 103 -13.27 13.59 10.79
C PHE A 103 -13.91 12.34 11.38
N ASP A 104 -14.98 11.89 10.75
CA ASP A 104 -15.67 10.66 11.15
C ASP A 104 -14.84 9.39 10.95
N PRO A 105 -15.17 8.30 11.69
CA PRO A 105 -14.49 7.03 11.52
C PRO A 105 -14.40 6.55 10.07
N ASN A 106 -15.51 6.58 9.33
CA ASN A 106 -15.52 6.06 7.96
C ASN A 106 -14.48 6.76 7.07
N ILE A 107 -14.34 8.07 7.28
CA ILE A 107 -13.40 8.90 6.55
C ILE A 107 -11.94 8.64 6.94
N GLU A 108 -11.70 8.46 8.23
CA GLU A 108 -10.38 8.06 8.68
C GLU A 108 -9.97 6.71 8.12
N LEU A 109 -10.94 5.80 7.97
CA LEU A 109 -10.63 4.44 7.45
C LEU A 109 -10.13 4.50 6.00
N LEU A 110 -10.87 5.19 5.15
CA LEU A 110 -10.48 5.27 3.76
C LEU A 110 -9.27 6.16 3.52
N THR A 111 -9.12 7.22 4.32
CA THR A 111 -7.94 8.08 4.16
C THR A 111 -6.67 7.31 4.50
N GLY A 112 -6.75 6.46 5.53
CA GLY A 112 -5.61 5.60 5.88
C GLY A 112 -5.31 4.68 4.71
N ASP A 113 -6.37 4.13 4.10
CA ASP A 113 -6.22 3.29 2.93
C ASP A 113 -5.61 3.97 1.73
N GLY A 114 -5.93 5.25 1.55
CA GLY A 114 -5.31 6.00 0.46
C GLY A 114 -3.88 6.42 0.73
N ILE A 115 -3.55 6.73 1.98
CA ILE A 115 -2.19 7.13 2.37
C ILE A 115 -1.15 6.01 2.18
N ILE A 116 -1.53 4.76 2.45
CA ILE A 116 -0.58 3.66 2.27
C ILE A 116 0.08 3.59 0.88
N PRO A 117 -0.70 3.50 -0.22
CA PRO A 117 -0.07 3.42 -1.53
C PRO A 117 0.51 4.76 -2.05
N PHE A 118 -0.08 5.86 -1.61
CA PHE A 118 0.37 7.18 -1.98
C PHE A 118 1.85 7.34 -1.71
N GLY A 119 2.29 6.98 -0.50
CA GLY A 119 3.72 6.97 -0.19
C GLY A 119 4.55 6.13 -1.15
N LEU A 120 4.05 4.94 -1.47
CA LEU A 120 4.74 4.06 -2.44
C LEU A 120 4.71 4.59 -3.86
N GLU A 121 3.64 5.30 -4.19
CA GLU A 121 3.52 6.01 -5.47
C GLU A 121 4.54 7.15 -5.58
N LEU A 122 4.66 7.99 -4.53
CA LEU A 122 5.69 9.05 -4.55
C LEU A 122 7.08 8.45 -4.75
N MET A 123 7.39 7.42 -3.97
CA MET A 123 8.66 6.71 -4.07
C MET A 123 8.88 6.12 -5.45
N ALA A 124 7.84 5.46 -6.00
CA ALA A 124 7.89 4.91 -7.35
C ALA A 124 8.06 5.97 -8.46
N ARG A 125 7.48 7.15 -8.25
CA ARG A 125 7.47 8.21 -9.27
C ARG A 125 8.66 9.18 -9.16
N SER A 126 9.51 8.98 -8.15
CA SER A 126 10.69 9.83 -7.98
C SER A 126 11.76 9.50 -9.03
N MET A 127 12.00 8.21 -9.26
CA MET A 127 12.93 7.73 -10.30
C MET A 127 12.59 8.28 -11.67
N ASP A 128 13.56 8.24 -12.59
CA ASP A 128 13.30 8.43 -14.03
C ASP A 128 13.71 9.79 -14.62
N PRO A 129 13.78 10.89 -13.82
CA PRO A 129 14.02 12.19 -14.46
C PRO A 129 15.13 12.13 -15.51
N THR A 130 16.29 11.62 -15.14
CA THR A 130 17.40 11.38 -16.08
C THR A 130 17.71 9.87 -16.20
N ARG A 131 16.78 9.05 -15.69
CA ARG A 131 16.89 7.58 -15.61
C ARG A 131 17.74 7.15 -14.41
N ASN A 132 17.12 7.22 -13.22
CA ASN A 132 17.82 6.97 -11.96
C ASN A 132 17.35 5.75 -11.17
N ASN A 133 18.26 4.80 -10.99
CA ASN A 133 18.14 3.74 -9.99
C ASN A 133 16.80 2.95 -10.00
N PRO A 134 16.52 2.20 -11.09
CA PRO A 134 15.26 1.46 -11.11
C PRO A 134 15.28 0.22 -10.22
N ASP A 135 16.43 -0.45 -10.15
CA ASP A 135 16.61 -1.56 -9.23
C ASP A 135 16.69 -1.07 -7.79
N ARG A 136 17.29 0.12 -7.60
CA ARG A 136 17.35 0.74 -6.27
C ARG A 136 15.99 1.18 -5.77
N ILE A 137 15.25 1.92 -6.59
CA ILE A 137 13.95 2.44 -6.15
C ILE A 137 12.98 1.29 -5.94
N LEU A 138 13.11 0.26 -6.77
CA LEU A 138 12.37 -0.97 -6.58
C LEU A 138 12.76 -1.62 -5.26
N ARG A 139 14.06 -1.65 -4.95
CA ARG A 139 14.48 -2.21 -3.67
C ARG A 139 13.99 -1.40 -2.47
N ALA A 140 13.94 -0.08 -2.62
CA ALA A 140 13.43 0.82 -1.58
C ALA A 140 11.94 0.54 -1.33
N ILE A 141 11.24 0.21 -2.41
CA ILE A 141 9.82 -0.07 -2.38
C ILE A 141 9.56 -1.38 -1.64
N ILE A 142 10.41 -2.36 -1.92
CA ILE A 142 10.40 -3.62 -1.20
C ILE A 142 10.52 -3.38 0.30
N GLU A 143 11.46 -2.50 0.70
CA GLU A 143 11.65 -2.15 2.10
C GLU A 143 10.41 -1.55 2.76
N LEU A 144 9.80 -0.59 2.07
CA LEU A 144 8.60 0.07 2.57
C LEU A 144 7.39 -0.84 2.62
N THR A 145 7.24 -1.75 1.65
CA THR A 145 6.14 -2.71 1.69
C THR A 145 6.29 -3.67 2.86
N ARG A 146 7.54 -3.93 3.22
CA ARG A 146 7.90 -4.85 4.29
C ARG A 146 7.53 -4.25 5.66
N VAL A 147 7.67 -2.94 5.78
CA VAL A 147 7.40 -2.26 7.05
C VAL A 147 5.91 -2.18 7.39
N MET A 148 5.10 -2.02 6.36
CA MET A 148 3.67 -1.77 6.57
C MET A 148 2.96 -3.07 6.95
N GLY A 149 3.45 -4.20 6.44
CA GLY A 149 2.70 -5.47 6.51
C GLY A 149 3.03 -6.50 7.59
N SER A 150 2.99 -7.76 7.16
CA SER A 150 3.14 -8.95 8.02
C SER A 150 4.51 -9.12 8.68
N GLU A 151 5.51 -8.41 8.17
CA GLU A 151 6.84 -8.47 8.75
C GLU A 151 7.01 -7.33 9.73
N GLY A 152 6.08 -6.38 9.68
CA GLY A 152 6.24 -5.13 10.40
C GLY A 152 5.05 -4.69 11.18
N ILE A 153 4.55 -3.49 10.86
CA ILE A 153 3.59 -2.79 11.71
C ILE A 153 2.32 -3.59 12.01
N VAL A 154 1.76 -4.26 11.01
CA VAL A 154 0.51 -4.99 11.13
C VAL A 154 0.70 -6.26 12.00
N GLU A 155 1.89 -6.87 11.91
CA GLU A 155 2.27 -7.96 12.83
C GLU A 155 2.22 -7.42 14.27
N GLY A 156 2.89 -6.29 14.49
CA GLY A 156 2.90 -5.61 15.78
C GLY A 156 1.51 -5.30 16.29
N GLN A 157 0.69 -4.66 15.47
CA GLN A 157 -0.66 -4.31 15.88
C GLN A 157 -1.48 -5.56 16.23
N TYR A 158 -1.28 -6.64 15.47
CA TYR A 158 -1.94 -7.94 15.73
C TYR A 158 -1.64 -8.42 17.17
N HIS A 159 -0.38 -8.43 17.57
CA HIS A 159 -0.05 -8.90 18.94
C HIS A 159 -0.34 -7.87 20.03
N GLU A 160 -0.47 -6.60 19.62
CA GLU A 160 -0.79 -5.51 20.52
C GLU A 160 -2.22 -5.64 21.05
N LEU A 161 -3.02 -6.42 20.33
CA LEU A 161 -4.41 -6.69 20.71
C LEU A 161 -4.55 -7.50 22.00
N GLY A 162 -3.77 -8.58 22.14
CA GLY A 162 -3.78 -9.41 23.35
C GLY A 162 -2.95 -8.83 24.49
N LEU A 163 -3.14 -7.55 24.79
CA LEU A 163 -2.28 -6.81 25.72
C LEU A 163 -2.71 -6.84 27.19
N ASN A 164 -1.75 -6.57 28.07
CA ASN A 164 -1.92 -6.56 29.52
C ASN A 164 -1.15 -5.38 30.15
N GLN A 165 -1.51 -5.03 31.39
CA GLN A 165 -0.95 -3.85 32.07
C GLN A 165 0.50 -4.03 32.52
N LEU A 166 1.45 -3.64 31.65
CA LEU A 166 2.88 -3.68 31.99
C LEU A 166 3.36 -5.07 32.47
N ASN A 167 2.59 -6.11 32.17
CA ASN A 167 2.90 -7.46 32.65
C ASN A 167 3.85 -8.23 31.73
N ASP A 168 3.38 -8.56 30.53
CA ASP A 168 4.18 -9.35 29.59
C ASP A 168 5.18 -8.45 28.86
N LEU A 169 6.36 -8.32 29.44
CA LEU A 169 7.44 -7.47 28.92
C LEU A 169 8.01 -7.90 27.55
N GLU A 170 8.14 -9.20 27.33
CA GLU A 170 8.67 -9.71 26.05
C GLU A 170 7.71 -9.47 24.90
N LEU A 171 6.41 -9.59 25.20
CA LEU A 171 5.35 -9.33 24.24
C LEU A 171 5.30 -7.83 23.92
N ILE A 172 5.52 -6.99 24.94
CA ILE A 172 5.56 -5.54 24.76
C ILE A 172 6.77 -5.15 23.90
N GLU A 173 7.95 -5.64 24.27
CA GLU A 173 9.15 -5.43 23.47
C GLU A 173 8.94 -5.87 22.03
N TYR A 174 8.37 -7.07 21.84
CA TYR A 174 8.12 -7.60 20.50
C TYR A 174 7.27 -6.65 19.65
N VAL A 175 6.24 -6.09 20.27
CA VAL A 175 5.37 -5.12 19.61
C VAL A 175 6.16 -3.87 19.20
N CYS A 176 7.06 -3.40 20.08
CA CYS A 176 7.90 -2.24 19.80
C CYS A 176 8.88 -2.48 18.65
N LYS A 177 9.47 -3.68 18.65
CA LYS A 177 10.32 -4.13 17.59
C LYS A 177 9.58 -4.20 16.26
N LYS A 178 8.33 -4.64 16.27
CA LYS A 178 7.61 -4.81 15.02
C LYS A 178 7.05 -3.49 14.47
N LYS A 179 6.74 -2.56 15.36
CA LYS A 179 6.17 -1.29 14.93
C LYS A 179 7.28 -0.23 14.79
N GLU A 180 7.68 0.39 15.89
CA GLU A 180 8.72 1.42 15.83
C GLU A 180 10.04 0.85 15.35
N GLY A 181 10.33 -0.40 15.72
CA GLY A 181 11.56 -1.05 15.29
C GLY A 181 11.65 -1.20 13.78
N THR A 182 10.63 -1.80 13.19
CA THR A 182 10.65 -2.08 11.75
C THR A 182 10.60 -0.78 10.96
N LEU A 183 9.86 0.22 11.47
CA LEU A 183 9.82 1.52 10.79
C LEU A 183 11.19 2.17 10.69
N HIS A 184 11.97 2.16 11.77
CA HIS A 184 13.32 2.73 11.72
C HIS A 184 14.28 1.90 10.82
N ALA A 185 14.17 0.57 10.93
CA ALA A 185 14.97 -0.35 10.13
C ALA A 185 14.79 -0.04 8.63
N CYS A 186 13.54 0.07 8.22
CA CYS A 186 13.16 0.42 6.85
C CYS A 186 13.69 1.79 6.44
N GLY A 187 13.46 2.78 7.29
CA GLY A 187 14.01 4.10 7.05
C GLY A 187 15.51 4.06 6.79
N ALA A 188 16.24 3.40 7.69
CA ALA A 188 17.70 3.35 7.60
C ALA A 188 18.11 2.58 6.35
N ALA A 189 17.44 1.45 6.08
CA ALA A 189 17.79 0.63 4.93
C ALA A 189 17.52 1.35 3.61
N CYS A 190 16.41 2.08 3.52
CA CYS A 190 16.09 2.92 2.34
C CYS A 190 17.15 4.00 2.13
N GLY A 191 17.47 4.72 3.20
CA GLY A 191 18.55 5.70 3.15
C GLY A 191 19.79 5.11 2.51
N ALA A 192 20.21 3.96 3.02
CA ALA A 192 21.43 3.31 2.57
C ALA A 192 21.32 2.85 1.11
N ILE A 193 20.17 2.26 0.76
CA ILE A 193 19.94 1.77 -0.60
C ILE A 193 20.02 2.94 -1.57
N LEU A 194 19.32 4.02 -1.23
CA LEU A 194 19.26 5.19 -2.10
C LEU A 194 20.59 5.91 -2.09
N GLY A 195 21.33 5.74 -0.99
CA GLY A 195 22.64 6.34 -0.85
C GLY A 195 23.68 5.65 -1.73
N GLY A 196 23.34 4.47 -2.25
CA GLY A 196 24.28 3.65 -3.02
C GLY A 196 25.26 3.04 -2.05
N CYS A 197 25.00 1.80 -1.67
CA CYS A 197 25.66 1.24 -0.50
C CYS A 197 26.07 -0.19 -0.74
N ASP A 198 27.01 -0.69 0.06
CA ASP A 198 27.33 -2.12 0.06
C ASP A 198 26.13 -2.91 0.54
N GLU A 199 25.87 -4.05 -0.09
CA GLU A 199 24.91 -5.03 0.40
C GLU A 199 25.07 -5.25 1.91
N ASP A 200 26.32 -5.43 2.34
CA ASP A 200 26.67 -5.61 3.74
C ASP A 200 26.35 -4.38 4.59
N LYS A 201 26.55 -3.20 4.02
CA LYS A 201 26.32 -1.96 4.77
C LYS A 201 24.85 -1.59 4.88
N ILE A 202 24.02 -2.17 4.00
CA ILE A 202 22.57 -1.98 4.11
C ILE A 202 22.04 -2.76 5.32
N GLU A 203 22.42 -4.04 5.39
CA GLU A 203 22.08 -4.92 6.50
C GLU A 203 22.43 -4.28 7.85
N LYS A 204 23.61 -3.64 7.90
CA LYS A 204 24.08 -3.03 9.14
C LYS A 204 23.22 -1.84 9.58
N LEU A 205 22.92 -0.94 8.64
CA LEU A 205 22.06 0.20 8.94
C LEU A 205 20.64 -0.26 9.23
N ARG A 206 20.23 -1.36 8.59
CA ARG A 206 18.94 -1.95 8.86
C ARG A 206 18.87 -2.39 10.31
N ARG A 207 19.89 -3.12 10.76
CA ARG A 207 19.98 -3.56 12.15
C ARG A 207 20.05 -2.34 13.06
N PHE A 208 20.84 -1.34 12.68
CA PHE A 208 20.87 -0.09 13.43
C PHE A 208 19.47 0.46 13.67
N GLY A 209 18.71 0.63 12.59
CA GLY A 209 17.37 1.19 12.67
C GLY A 209 16.48 0.39 13.58
N LEU A 210 16.53 -0.93 13.45
CA LEU A 210 15.76 -1.82 14.32
C LEU A 210 16.00 -1.55 15.79
N TYR A 211 17.27 -1.39 16.18
CA TYR A 211 17.63 -1.22 17.58
C TYR A 211 17.12 0.12 18.12
N VAL A 212 17.44 1.22 17.44
CA VAL A 212 16.94 2.53 17.86
C VAL A 212 15.42 2.69 17.77
N GLY A 213 14.79 2.02 16.80
CA GLY A 213 13.33 2.03 16.68
C GLY A 213 12.67 1.28 17.79
N THR A 214 13.22 0.11 18.14
CA THR A 214 12.76 -0.62 19.31
C THR A 214 12.90 0.23 20.59
N VAL A 215 14.04 0.90 20.76
CA VAL A 215 14.21 1.83 21.88
C VAL A 215 13.15 2.95 21.88
N GLN A 216 12.93 3.55 20.72
CA GLN A 216 11.91 4.60 20.57
C GLN A 216 10.52 4.08 20.94
N GLY A 217 10.20 2.88 20.47
CA GLY A 217 9.00 2.17 20.90
C GLY A 217 8.88 2.00 22.40
N LEU A 218 9.94 1.48 23.02
CA LEU A 218 9.94 1.20 24.46
C LEU A 218 9.75 2.45 25.33
N LEU A 219 10.42 3.53 24.93
CA LEU A 219 10.25 4.83 25.59
C LEU A 219 8.80 5.28 25.55
N GLY A 220 8.14 5.03 24.42
CA GLY A 220 6.73 5.37 24.21
C GLY A 220 5.74 4.57 25.06
N LYS A 221 6.26 3.57 25.76
CA LYS A 221 5.52 2.83 26.79
C LYS A 221 5.78 3.47 28.15
N ASN A 222 7.04 3.82 28.39
CA ASN A 222 7.51 4.55 29.57
C ASN A 222 7.28 3.84 30.92
N ARG A 223 7.08 2.52 30.88
CA ARG A 223 6.81 1.75 32.10
C ARG A 223 8.04 1.30 32.89
N SER A 224 9.22 1.76 32.45
CA SER A 224 10.48 1.61 33.19
C SER A 224 11.00 0.18 33.42
N GLY A 225 10.15 -0.83 33.25
CA GLY A 225 10.59 -2.23 33.38
C GLY A 225 11.68 -2.60 32.39
N PHE A 226 12.13 -1.60 31.62
CA PHE A 226 12.95 -1.81 30.43
C PHE A 226 14.37 -1.21 30.44
N GLU A 227 14.72 -0.43 31.46
CA GLU A 227 16.01 0.28 31.49
C GLU A 227 17.21 -0.55 31.03
N GLY A 228 17.29 -1.79 31.52
CA GLY A 228 18.38 -2.70 31.16
C GLY A 228 18.38 -3.12 29.71
N ARG A 229 17.19 -3.39 29.18
CA ARG A 229 17.02 -3.74 27.77
C ARG A 229 17.40 -2.55 26.87
N ILE A 230 17.01 -1.34 27.29
CA ILE A 230 17.31 -0.13 26.52
C ILE A 230 18.82 0.10 26.37
N LYS A 231 19.58 -0.01 27.46
CA LYS A 231 21.04 0.11 27.38
C LYS A 231 21.66 -1.02 26.55
N GLU A 232 21.13 -2.23 26.73
CA GLU A 232 21.46 -3.39 25.88
C GLU A 232 21.33 -3.04 24.38
N LEU A 233 20.15 -2.56 23.98
CA LEU A 233 19.89 -2.23 22.55
C LEU A 233 20.67 -1.02 22.04
N LYS A 234 20.83 -0.01 22.87
CA LYS A 234 21.67 1.16 22.53
C LYS A 234 23.10 0.77 22.19
N GLU A 235 23.63 -0.20 22.92
CA GLU A 235 25.00 -0.70 22.71
C GLU A 235 25.12 -1.40 21.36
N LEU A 236 24.10 -2.19 21.01
CA LEU A 236 24.05 -2.84 19.70
C LEU A 236 23.97 -1.82 18.57
N ALA A 237 23.23 -0.74 18.80
CA ALA A 237 23.11 0.34 17.82
C ALA A 237 24.49 0.94 17.53
N VAL A 238 25.25 1.20 18.59
CA VAL A 238 26.60 1.72 18.43
C VAL A 238 27.49 0.76 17.61
N LYS A 239 27.44 -0.54 17.92
CA LYS A 239 28.24 -1.55 17.23
C LYS A 239 28.14 -1.39 15.72
N GLU A 240 26.90 -1.34 15.24
CA GLU A 240 26.62 -1.23 13.80
C GLU A 240 27.23 0.04 13.20
N LEU A 241 27.19 1.13 13.96
CA LEU A 241 27.73 2.41 13.50
C LEU A 241 29.24 2.41 13.24
N GLU A 242 29.97 1.60 14.01
CA GLU A 242 31.43 1.55 13.92
C GLU A 242 31.98 1.31 12.51
N SER A 243 31.20 0.63 11.66
CA SER A 243 31.63 0.31 10.31
C SER A 243 31.56 1.53 9.36
N PHE A 244 30.95 2.61 9.83
CA PHE A 244 30.81 3.84 9.04
C PHE A 244 31.61 4.95 9.69
N GLY A 245 31.56 6.15 9.11
CA GLY A 245 32.20 7.33 9.71
C GLY A 245 31.99 8.60 8.90
N GLY A 246 32.42 9.73 9.46
CA GLY A 246 32.42 11.01 8.74
C GLY A 246 31.60 12.14 9.33
N GLU A 247 31.42 12.11 10.66
CA GLU A 247 30.80 13.22 11.39
C GLU A 247 29.26 13.25 11.34
N LYS A 248 28.67 12.70 10.27
CA LYS A 248 27.24 12.42 10.27
C LYS A 248 26.97 11.37 11.34
N ILE A 249 27.99 10.53 11.59
CA ILE A 249 27.95 9.56 12.69
C ILE A 249 27.64 10.22 14.02
N GLU A 250 28.27 11.36 14.30
CA GLU A 250 28.07 12.09 15.56
C GLU A 250 26.67 12.66 15.71
N LEU A 251 26.13 13.19 14.62
CA LEU A 251 24.79 13.76 14.61
C LEU A 251 23.72 12.67 14.77
N ILE A 252 23.89 11.55 14.07
CA ILE A 252 23.01 10.40 14.22
C ILE A 252 23.04 9.84 15.66
N ARG A 253 24.25 9.66 16.21
CA ARG A 253 24.40 9.26 17.61
C ARG A 253 23.70 10.25 18.54
N GLY A 254 23.82 11.53 18.22
CA GLY A 254 23.12 12.60 18.94
C GLY A 254 21.60 12.48 18.85
N VAL A 255 21.07 12.38 17.63
CA VAL A 255 19.62 12.26 17.40
C VAL A 255 19.01 11.14 18.25
N PHE A 256 19.75 10.05 18.42
CA PHE A 256 19.24 8.88 19.11
C PHE A 256 19.81 8.64 20.52
N GLU A 257 20.30 9.71 21.13
CA GLU A 257 20.63 9.68 22.54
C GLU A 257 21.64 8.55 22.81
N LEU A 258 22.62 8.40 21.93
CA LEU A 258 23.65 7.36 22.07
C LEU A 258 24.97 7.99 22.52
N LEU B 3 -18.50 -26.23 -20.09
CA LEU B 3 -18.07 -24.80 -20.29
C LEU B 3 -17.65 -24.49 -21.73
N THR B 4 -17.88 -23.24 -22.14
CA THR B 4 -17.47 -22.71 -23.44
C THR B 4 -15.95 -22.42 -23.40
N ARG B 5 -15.37 -22.09 -24.56
CA ARG B 5 -13.93 -21.75 -24.64
C ARG B 5 -13.62 -20.51 -23.81
N THR B 6 -14.45 -19.49 -23.96
CA THR B 6 -14.40 -18.28 -23.17
C THR B 6 -14.43 -18.54 -21.66
N GLN B 7 -15.40 -19.31 -21.19
CA GLN B 7 -15.52 -19.63 -19.75
C GLN B 7 -14.30 -20.41 -19.21
N THR B 8 -13.94 -21.49 -19.91
CA THR B 8 -12.73 -22.27 -19.63
C THR B 8 -11.49 -21.36 -19.57
N TYR B 9 -11.33 -20.52 -20.58
CA TYR B 9 -10.20 -19.58 -20.63
C TYR B 9 -10.19 -18.68 -19.39
N ARG B 10 -11.35 -18.16 -19.00
CA ARG B 10 -11.43 -17.31 -17.80
C ARG B 10 -11.15 -18.10 -16.52
N ALA B 11 -11.75 -19.29 -16.39
CA ALA B 11 -11.59 -20.15 -15.20
C ALA B 11 -10.15 -20.61 -14.98
N THR B 12 -9.47 -21.00 -16.07
CA THR B 12 -8.06 -21.36 -16.03
C THR B 12 -7.20 -20.22 -15.45
N ILE B 13 -7.41 -19.01 -15.97
CA ILE B 13 -6.76 -17.81 -15.46
C ILE B 13 -6.98 -17.61 -13.97
N GLU B 14 -8.24 -17.64 -13.54
CA GLU B 14 -8.62 -17.47 -12.13
C GLU B 14 -8.05 -18.55 -11.20
N SER B 15 -7.93 -19.76 -11.73
CA SER B 15 -7.31 -20.87 -11.02
C SER B 15 -5.78 -20.68 -10.96
N ASP B 16 -5.19 -20.18 -12.03
CA ASP B 16 -3.75 -19.89 -12.05
C ASP B 16 -3.39 -18.76 -11.07
N ILE B 17 -4.28 -17.78 -10.93
CA ILE B 17 -4.12 -16.69 -9.98
C ILE B 17 -4.26 -17.17 -8.53
N GLU B 18 -5.31 -17.94 -8.26
CA GLU B 18 -5.52 -18.50 -6.93
C GLU B 18 -4.29 -19.31 -6.46
N SER B 19 -3.78 -20.18 -7.33
CA SER B 19 -2.65 -21.04 -6.97
C SER B 19 -1.38 -20.24 -6.78
N TYR B 20 -1.20 -19.22 -7.60
CA TYR B 20 -0.05 -18.33 -7.44
C TYR B 20 -0.10 -17.64 -6.07
N LEU B 21 -1.29 -17.21 -5.67
CA LEU B 21 -1.53 -16.60 -4.36
C LEU B 21 -1.45 -17.61 -3.21
N LYS B 22 -1.84 -18.86 -3.47
CA LYS B 22 -1.76 -19.88 -2.42
C LYS B 22 -0.31 -20.19 -2.03
N LYS B 23 0.61 -20.06 -2.99
CA LYS B 23 2.05 -20.14 -2.74
C LYS B 23 2.58 -19.01 -1.85
N ALA B 24 1.89 -17.87 -1.79
CA ALA B 24 2.41 -16.69 -1.10
C ALA B 24 1.83 -16.43 0.29
N ILE B 25 0.66 -17.00 0.56
CA ILE B 25 -0.04 -16.75 1.84
C ILE B 25 -0.44 -18.06 2.56
N PRO B 26 0.34 -18.46 3.60
CA PRO B 26 0.03 -19.70 4.31
C PRO B 26 -1.22 -19.55 5.16
N ILE B 27 -2.00 -20.62 5.30
CA ILE B 27 -3.11 -20.64 6.23
C ILE B 27 -2.54 -20.38 7.63
N ARG B 28 -1.27 -20.75 7.81
CA ARG B 28 -0.49 -20.70 9.06
C ARG B 28 -1.27 -21.01 10.35
N ALA B 29 -2.52 -21.46 10.20
CA ALA B 29 -3.51 -21.58 11.28
C ALA B 29 -3.52 -20.26 12.08
N PRO B 30 -4.16 -20.23 13.27
CA PRO B 30 -4.15 -19.02 14.11
C PRO B 30 -2.94 -18.08 13.94
N GLU B 31 -1.73 -18.66 13.89
CA GLU B 31 -0.49 -17.87 13.83
C GLU B 31 -0.50 -16.66 12.87
N SER B 32 -0.38 -15.48 13.50
CA SER B 32 -0.18 -14.19 12.84
C SER B 32 -1.32 -13.71 11.95
N VAL B 33 -1.12 -12.53 11.36
CA VAL B 33 -2.05 -11.95 10.41
C VAL B 33 -2.27 -12.84 9.20
N PHE B 34 -1.43 -13.88 9.05
CA PHE B 34 -1.55 -14.79 7.91
C PHE B 34 -2.84 -15.57 7.87
N GLU B 35 -3.33 -15.98 9.02
CA GLU B 35 -4.61 -16.67 9.10
C GLU B 35 -5.75 -15.80 8.53
N PRO B 36 -6.02 -14.63 9.14
CA PRO B 36 -7.07 -13.85 8.46
C PRO B 36 -6.70 -13.43 7.02
N MET B 37 -5.41 -13.18 6.75
CA MET B 37 -4.99 -12.75 5.40
C MET B 37 -5.36 -13.80 4.36
N HIS B 38 -5.06 -15.05 4.71
CA HIS B 38 -5.38 -16.18 3.88
C HIS B 38 -6.89 -16.36 3.77
N HIS B 39 -7.57 -16.41 4.91
CA HIS B 39 -9.01 -16.55 4.89
C HIS B 39 -9.68 -15.49 4.00
N LEU B 40 -9.47 -14.22 4.28
CA LEU B 40 -10.17 -13.13 3.56
C LEU B 40 -9.89 -13.08 2.06
N THR B 41 -8.66 -13.44 1.67
CA THR B 41 -8.26 -13.44 0.27
C THR B 41 -9.05 -14.44 -0.55
N PHE B 42 -9.25 -15.64 -0.01
CA PHE B 42 -9.90 -16.72 -0.74
C PHE B 42 -11.39 -16.82 -0.46
N ALA B 43 -11.87 -16.10 0.54
CA ALA B 43 -13.32 -16.00 0.77
C ALA B 43 -13.93 -14.89 -0.10
N ALA B 44 -13.16 -13.87 -0.40
CA ALA B 44 -13.73 -12.70 -1.07
C ALA B 44 -14.23 -13.02 -2.47
N PRO B 45 -15.36 -12.40 -2.90
CA PRO B 45 -15.78 -12.52 -4.30
C PRO B 45 -14.64 -12.11 -5.23
N ARG B 46 -14.49 -12.79 -6.36
CA ARG B 46 -13.44 -12.44 -7.32
C ARG B 46 -13.85 -11.16 -8.09
N THR B 47 -12.89 -10.48 -8.69
CA THR B 47 -13.19 -9.44 -9.66
C THR B 47 -12.56 -9.82 -10.98
N SER B 48 -13.30 -9.58 -12.06
CA SER B 48 -12.83 -9.83 -13.41
C SER B 48 -11.63 -8.99 -13.84
N ALA B 49 -11.31 -7.93 -13.08
CA ALA B 49 -10.14 -7.09 -13.31
C ALA B 49 -8.88 -7.91 -13.25
N SER B 50 -8.87 -8.90 -12.37
CA SER B 50 -7.70 -9.78 -12.23
C SER B 50 -7.45 -10.59 -13.49
N ALA B 51 -8.52 -11.18 -14.03
CA ALA B 51 -8.41 -11.97 -15.26
C ALA B 51 -8.05 -11.08 -16.44
N LEU B 52 -8.63 -9.87 -16.49
CA LEU B 52 -8.29 -8.93 -17.56
C LEU B 52 -6.77 -8.66 -17.62
N CYS B 53 -6.11 -8.59 -16.47
CA CYS B 53 -4.67 -8.43 -16.42
C CYS B 53 -3.91 -9.49 -17.20
N VAL B 54 -4.22 -10.76 -16.95
CA VAL B 54 -3.55 -11.86 -17.65
C VAL B 54 -3.89 -11.81 -19.12
N ALA B 55 -5.18 -11.63 -19.39
CA ALA B 55 -5.69 -11.60 -20.75
C ALA B 55 -5.08 -10.46 -21.54
N ALA B 56 -4.93 -9.30 -20.91
CA ALA B 56 -4.39 -8.12 -21.58
C ALA B 56 -2.94 -8.37 -21.97
N CYS B 57 -2.20 -9.02 -21.07
CA CYS B 57 -0.82 -9.40 -21.25
C CYS B 57 -0.63 -10.36 -22.43
N GLU B 58 -1.40 -11.44 -22.44
CA GLU B 58 -1.34 -12.43 -23.52
C GLU B 58 -1.69 -11.82 -24.87
N LEU B 59 -2.74 -10.99 -24.88
CA LEU B 59 -3.17 -10.28 -26.07
C LEU B 59 -2.03 -9.58 -26.83
N VAL B 60 -1.09 -8.99 -26.10
CA VAL B 60 0.01 -8.24 -26.72
C VAL B 60 1.31 -9.04 -26.84
N GLY B 61 1.18 -10.35 -26.78
CA GLY B 61 2.32 -11.25 -26.95
C GLY B 61 3.04 -11.64 -25.68
N GLY B 62 2.54 -11.17 -24.53
CA GLY B 62 3.12 -11.53 -23.24
C GLY B 62 2.86 -12.97 -22.85
N ASP B 63 3.73 -13.50 -22.00
CA ASP B 63 3.51 -14.77 -21.32
C ASP B 63 2.69 -14.47 -20.07
N ARG B 64 1.87 -15.42 -19.64
CA ARG B 64 0.99 -15.18 -18.50
C ARG B 64 1.72 -15.16 -17.17
N SER B 65 2.82 -15.90 -17.05
CA SER B 65 3.63 -15.85 -15.85
C SER B 65 4.21 -14.44 -15.62
N ASP B 66 4.27 -13.64 -16.68
CA ASP B 66 4.69 -12.23 -16.59
C ASP B 66 3.64 -11.35 -15.90
N ALA B 67 2.36 -11.72 -16.01
CA ALA B 67 1.28 -10.89 -15.45
C ALA B 67 0.77 -11.42 -14.12
N MET B 68 1.22 -12.62 -13.74
CA MET B 68 0.63 -13.39 -12.64
C MET B 68 0.67 -12.63 -11.30
N ALA B 69 1.82 -12.03 -11.02
CA ALA B 69 2.02 -11.19 -9.83
C ALA B 69 1.14 -9.96 -9.83
N ALA B 70 1.10 -9.28 -10.98
CA ALA B 70 0.22 -8.13 -11.16
C ALA B 70 -1.26 -8.48 -10.93
N ALA B 71 -1.70 -9.58 -11.55
CA ALA B 71 -3.08 -10.07 -11.50
C ALA B 71 -3.50 -10.40 -10.09
N ALA B 72 -2.58 -11.02 -9.33
CA ALA B 72 -2.77 -11.32 -7.92
C ALA B 72 -2.80 -10.03 -7.09
N ALA B 73 -1.88 -9.11 -7.38
CA ALA B 73 -1.89 -7.81 -6.71
C ALA B 73 -3.22 -7.06 -6.92
N VAL B 74 -3.77 -7.17 -8.12
CA VAL B 74 -5.06 -6.56 -8.46
C VAL B 74 -6.20 -7.15 -7.60
N HIS B 75 -6.22 -8.49 -7.51
CA HIS B 75 -7.12 -9.23 -6.63
C HIS B 75 -6.96 -8.78 -5.19
N LEU B 76 -5.73 -8.74 -4.70
CA LEU B 76 -5.46 -8.25 -3.35
C LEU B 76 -5.92 -6.80 -3.12
N MET B 77 -5.71 -5.89 -4.07
CA MET B 77 -6.25 -4.52 -3.89
C MET B 77 -7.76 -4.62 -3.70
N HIS B 78 -8.41 -5.38 -4.57
CA HIS B 78 -9.85 -5.62 -4.45
C HIS B 78 -10.28 -6.24 -3.11
N VAL B 79 -9.50 -7.17 -2.55
CA VAL B 79 -9.87 -7.72 -1.24
C VAL B 79 -9.65 -6.76 -0.07
N ALA B 80 -8.57 -5.99 -0.10
CA ALA B 80 -8.40 -5.00 0.95
C ALA B 80 -9.60 -4.02 0.95
N ALA B 81 -9.95 -3.52 -0.24
CA ALA B 81 -11.10 -2.64 -0.41
C ALA B 81 -12.41 -3.26 0.11
N TYR B 82 -12.71 -4.48 -0.36
CA TYR B 82 -13.91 -5.21 0.04
C TYR B 82 -13.98 -5.37 1.56
N THR B 83 -12.86 -5.80 2.15
CA THR B 83 -12.74 -5.96 3.59
C THR B 83 -13.06 -4.67 4.34
N HIS B 84 -12.45 -3.58 3.92
CA HIS B 84 -12.68 -2.32 4.58
C HIS B 84 -14.07 -1.74 4.42
N GLU B 85 -14.69 -1.91 3.25
CA GLU B 85 -16.02 -1.37 3.10
C GLU B 85 -17.11 -2.19 3.81
N ASN B 86 -16.81 -3.45 4.14
CA ASN B 86 -17.74 -4.26 4.93
C ASN B 86 -17.37 -4.29 6.41
N LEU B 87 -16.35 -3.52 6.74
CA LEU B 87 -15.85 -3.46 8.11
C LEU B 87 -16.86 -2.76 9.04
N PRO B 88 -17.31 -3.45 10.10
CA PRO B 88 -18.21 -2.82 11.09
C PRO B 88 -17.50 -1.70 11.87
N LEU B 89 -17.97 -0.47 11.68
CA LEU B 89 -17.47 0.70 12.42
C LEU B 89 -18.40 1.00 13.61
N THR B 90 -18.20 2.18 14.21
CA THR B 90 -19.11 2.73 15.22
C THR B 90 -20.55 2.74 14.70
N ASP B 91 -20.70 3.19 13.45
CA ASP B 91 -21.98 3.37 12.74
C ASP B 91 -22.26 2.12 11.87
N GLY B 92 -21.47 1.07 12.07
CA GLY B 92 -21.57 -0.11 11.22
C GLY B 92 -20.74 0.04 9.95
N PRO B 93 -20.90 -0.89 8.99
CA PRO B 93 -20.02 -0.84 7.84
C PRO B 93 -20.42 0.23 6.83
N MET B 94 -19.50 0.56 5.94
CA MET B 94 -19.78 1.47 4.84
C MET B 94 -20.75 0.80 3.87
N SER B 95 -20.62 -0.51 3.68
CA SER B 95 -21.49 -1.28 2.79
C SER B 95 -22.77 -1.75 3.46
N LYS B 96 -23.90 -1.35 2.88
CA LYS B 96 -25.24 -1.66 3.43
C LYS B 96 -25.63 -3.13 3.23
N SER B 97 -24.94 -3.79 2.29
CA SER B 97 -25.11 -5.23 2.04
C SER B 97 -24.23 -6.01 2.99
N GLU B 98 -24.82 -6.61 4.03
CA GLU B 98 -24.02 -7.26 5.07
C GLU B 98 -23.52 -8.65 4.68
N ILE B 99 -22.34 -8.98 5.19
CA ILE B 99 -21.68 -10.25 4.91
C ILE B 99 -21.41 -10.92 6.24
N GLN B 100 -21.00 -12.19 6.20
CA GLN B 100 -20.65 -12.88 7.44
C GLN B 100 -19.22 -12.53 7.79
N HIS B 101 -18.91 -12.50 9.08
CA HIS B 101 -17.61 -12.08 9.58
C HIS B 101 -17.04 -13.15 10.52
N LYS B 102 -16.00 -13.84 10.06
CA LYS B 102 -15.36 -14.91 10.84
C LYS B 102 -14.41 -14.31 11.88
N PHE B 103 -13.98 -13.08 11.63
CA PHE B 103 -13.02 -12.39 12.48
C PHE B 103 -13.58 -11.07 12.98
N ASP B 104 -13.01 -10.57 14.07
CA ASP B 104 -13.44 -9.32 14.69
C ASP B 104 -13.12 -8.10 13.83
N PRO B 105 -13.84 -6.99 14.05
CA PRO B 105 -13.56 -5.78 13.26
C PRO B 105 -12.08 -5.35 13.32
N ASN B 106 -11.47 -5.41 14.50
CA ASN B 106 -10.12 -4.91 14.65
C ASN B 106 -9.11 -5.69 13.79
N ILE B 107 -9.23 -7.01 13.80
CA ILE B 107 -8.49 -7.93 12.95
C ILE B 107 -8.67 -7.66 11.45
N GLU B 108 -9.92 -7.53 11.00
CA GLU B 108 -10.21 -7.17 9.60
C GLU B 108 -9.56 -5.85 9.19
N LEU B 109 -9.41 -4.93 10.14
CA LEU B 109 -8.79 -3.63 9.84
C LEU B 109 -7.28 -3.76 9.59
N LEU B 110 -6.60 -4.51 10.47
CA LEU B 110 -5.18 -4.85 10.33
C LEU B 110 -4.90 -5.66 9.08
N THR B 111 -5.74 -6.64 8.83
CA THR B 111 -5.53 -7.56 7.71
C THR B 111 -5.68 -6.81 6.39
N GLY B 112 -6.65 -5.90 6.33
CA GLY B 112 -6.82 -5.05 5.15
C GLY B 112 -5.55 -4.24 4.91
N ASP B 113 -5.00 -3.65 5.98
CA ASP B 113 -3.80 -2.83 5.89
C ASP B 113 -2.57 -3.61 5.49
N GLY B 114 -2.50 -4.87 5.92
CA GLY B 114 -1.39 -5.75 5.53
C GLY B 114 -1.49 -6.18 4.09
N ILE B 115 -2.70 -6.50 3.64
CA ILE B 115 -2.94 -6.90 2.25
C ILE B 115 -2.56 -5.84 1.18
N ILE B 116 -2.77 -4.56 1.49
CA ILE B 116 -2.44 -3.52 0.51
C ILE B 116 -0.99 -3.54 0.04
N PRO B 117 -0.01 -3.43 0.96
CA PRO B 117 1.38 -3.47 0.53
C PRO B 117 1.87 -4.87 0.06
N PHE B 118 1.24 -5.93 0.54
CA PHE B 118 1.61 -7.30 0.21
C PHE B 118 1.58 -7.53 -1.31
N GLY B 119 0.50 -7.12 -1.96
CA GLY B 119 0.37 -7.19 -3.41
C GLY B 119 1.47 -6.42 -4.14
N LEU B 120 1.78 -5.23 -3.64
CA LEU B 120 2.85 -4.40 -4.22
C LEU B 120 4.20 -5.05 -3.99
N GLU B 121 4.35 -5.70 -2.84
CA GLU B 121 5.55 -6.48 -2.54
C GLU B 121 5.68 -7.71 -3.45
N LEU B 122 4.59 -8.45 -3.65
CA LEU B 122 4.62 -9.57 -4.61
C LEU B 122 5.06 -9.03 -5.98
N MET B 123 4.40 -7.97 -6.44
CA MET B 123 4.73 -7.32 -7.71
C MET B 123 6.21 -6.90 -7.76
N ALA B 124 6.67 -6.18 -6.75
CA ALA B 124 8.06 -5.72 -6.66
C ALA B 124 9.09 -6.85 -6.68
N ARG B 125 8.78 -7.95 -5.99
CA ARG B 125 9.71 -9.07 -5.89
C ARG B 125 9.75 -9.96 -7.14
N SER B 126 9.02 -9.56 -8.18
CA SER B 126 8.96 -10.31 -9.44
C SER B 126 9.89 -9.77 -10.52
N MET B 127 10.81 -8.88 -10.14
CA MET B 127 11.73 -8.21 -11.08
C MET B 127 12.53 -9.21 -11.90
N ASP B 128 12.55 -8.99 -13.22
CA ASP B 128 13.35 -9.82 -14.13
C ASP B 128 14.53 -9.03 -14.72
N PRO B 129 15.73 -9.20 -14.12
CA PRO B 129 16.91 -8.48 -14.57
C PRO B 129 17.37 -8.93 -15.94
N THR B 130 16.88 -10.09 -16.39
CA THR B 130 17.25 -10.65 -17.68
C THR B 130 16.23 -10.29 -18.77
N ARG B 131 15.44 -9.26 -18.50
CA ARG B 131 14.45 -8.80 -19.47
C ARG B 131 14.47 -7.28 -19.73
N ASN B 132 14.40 -6.48 -18.66
CA ASN B 132 14.26 -5.01 -18.71
C ASN B 132 13.20 -4.48 -17.74
N ASN B 133 12.76 -5.38 -16.85
CA ASN B 133 11.63 -5.15 -15.95
C ASN B 133 11.72 -3.99 -14.95
N PRO B 134 12.91 -3.65 -14.44
CA PRO B 134 12.89 -2.59 -13.41
C PRO B 134 12.12 -1.33 -13.84
N ASP B 135 12.27 -0.94 -15.11
CA ASP B 135 11.45 0.13 -15.70
C ASP B 135 9.99 -0.31 -15.76
N ARG B 136 9.75 -1.49 -16.33
CA ARG B 136 8.41 -2.06 -16.50
C ARG B 136 7.67 -2.35 -15.20
N ILE B 137 8.31 -3.13 -14.33
CA ILE B 137 7.72 -3.52 -13.04
C ILE B 137 7.44 -2.29 -12.19
N LEU B 138 8.34 -1.32 -12.23
CA LEU B 138 8.14 -0.06 -11.53
C LEU B 138 6.94 0.69 -12.11
N ARG B 139 6.77 0.65 -13.43
CA ARG B 139 5.60 1.25 -14.04
C ARG B 139 4.31 0.51 -13.65
N ALA B 140 4.38 -0.80 -13.47
CA ALA B 140 3.24 -1.59 -12.99
C ALA B 140 2.84 -1.23 -11.55
N ILE B 141 3.84 -0.89 -10.75
CA ILE B 141 3.64 -0.52 -9.35
C ILE B 141 2.93 0.84 -9.29
N ILE B 142 3.32 1.76 -10.16
CA ILE B 142 2.65 3.03 -10.27
C ILE B 142 1.16 2.83 -10.53
N GLU B 143 0.84 1.92 -11.47
CA GLU B 143 -0.55 1.63 -11.83
C GLU B 143 -1.38 1.10 -10.67
N LEU B 144 -0.80 0.18 -9.92
CA LEU B 144 -1.48 -0.41 -8.79
C LEU B 144 -1.62 0.56 -7.61
N THR B 145 -0.65 1.43 -7.41
CA THR B 145 -0.73 2.44 -6.35
C THR B 145 -1.84 3.41 -6.67
N ARG B 146 -2.02 3.63 -7.97
CA ARG B 146 -3.06 4.53 -8.46
C ARG B 146 -4.46 3.99 -8.22
N VAL B 147 -4.63 2.68 -8.38
CA VAL B 147 -5.96 2.10 -8.29
C VAL B 147 -6.49 2.19 -6.88
N MET B 148 -5.59 2.08 -5.92
CA MET B 148 -5.97 1.94 -4.53
C MET B 148 -6.30 3.32 -3.95
N GLY B 149 -5.63 4.36 -4.44
CA GLY B 149 -5.71 5.70 -3.85
C GLY B 149 -6.71 6.74 -4.35
N SER B 150 -6.30 8.02 -4.29
CA SER B 150 -7.09 9.22 -4.63
C SER B 150 -7.65 9.29 -6.04
N GLU B 151 -7.05 8.52 -6.95
CA GLU B 151 -7.50 8.45 -8.33
C GLU B 151 -8.44 7.28 -8.49
N GLY B 152 -8.56 6.47 -7.44
CA GLY B 152 -9.24 5.21 -7.57
C GLY B 152 -10.22 4.86 -6.49
N ILE B 153 -10.02 3.68 -5.90
CA ILE B 153 -11.03 3.08 -5.04
C ILE B 153 -11.45 3.94 -3.85
N VAL B 154 -10.48 4.61 -3.23
CA VAL B 154 -10.70 5.44 -2.05
C VAL B 154 -11.55 6.68 -2.41
N GLU B 155 -11.24 7.29 -3.54
CA GLU B 155 -12.05 8.40 -4.08
C GLU B 155 -13.51 7.96 -4.26
N GLY B 156 -13.71 6.83 -4.94
CA GLY B 156 -15.01 6.18 -5.06
C GLY B 156 -15.71 5.93 -3.73
N GLN B 157 -15.01 5.31 -2.79
CA GLN B 157 -15.61 5.04 -1.46
C GLN B 157 -15.97 6.34 -0.73
N TYR B 158 -15.10 7.34 -0.84
CA TYR B 158 -15.33 8.69 -0.28
C TYR B 158 -16.67 9.25 -0.75
N HIS B 159 -16.98 9.09 -2.04
CA HIS B 159 -18.24 9.65 -2.57
C HIS B 159 -19.47 8.77 -2.32
N GLU B 160 -19.22 7.47 -2.21
CA GLU B 160 -20.24 6.47 -1.95
C GLU B 160 -20.91 6.68 -0.60
N LEU B 161 -20.16 7.29 0.31
CA LEU B 161 -20.67 7.70 1.61
C LEU B 161 -21.81 8.69 1.42
N GLY B 162 -23.02 8.24 1.73
CA GLY B 162 -24.22 9.02 1.47
C GLY B 162 -24.87 8.68 0.14
N LEU B 163 -25.10 7.39 -0.09
CA LEU B 163 -25.87 6.93 -1.25
C LEU B 163 -27.06 6.06 -0.86
N ASN B 164 -28.24 6.42 -1.37
CA ASN B 164 -29.50 5.75 -1.03
C ASN B 164 -30.36 5.44 -2.26
N GLN B 165 -31.67 5.36 -2.07
CA GLN B 165 -32.61 5.07 -3.16
C GLN B 165 -33.17 6.35 -3.78
N LEU B 166 -33.36 6.30 -5.11
CA LEU B 166 -33.72 7.46 -5.95
C LEU B 166 -32.60 8.51 -5.95
N ASN B 167 -31.36 8.03 -5.81
CA ASN B 167 -30.20 8.91 -5.74
C ASN B 167 -29.63 9.37 -7.09
N ASP B 168 -28.66 10.28 -6.98
CA ASP B 168 -27.87 10.84 -8.06
C ASP B 168 -27.28 9.74 -8.95
N LEU B 169 -27.85 9.55 -10.14
CA LEU B 169 -27.37 8.52 -11.08
C LEU B 169 -25.97 8.80 -11.63
N GLU B 170 -25.63 10.08 -11.80
CA GLU B 170 -24.30 10.46 -12.30
C GLU B 170 -23.27 10.21 -11.20
N LEU B 171 -23.70 10.40 -9.95
CA LEU B 171 -22.87 10.13 -8.79
C LEU B 171 -22.63 8.64 -8.63
N ILE B 172 -23.64 7.83 -8.96
CA ILE B 172 -23.52 6.37 -8.89
C ILE B 172 -22.55 5.85 -9.95
N GLU B 173 -22.74 6.27 -11.20
CA GLU B 173 -21.80 5.92 -12.27
C GLU B 173 -20.38 6.34 -11.92
N TYR B 174 -20.24 7.53 -11.32
CA TYR B 174 -18.93 8.02 -10.91
C TYR B 174 -18.28 7.09 -9.90
N VAL B 175 -19.05 6.66 -8.91
CA VAL B 175 -18.58 5.67 -7.94
C VAL B 175 -18.10 4.39 -8.65
N CYS B 176 -18.89 3.90 -9.60
CA CYS B 176 -18.51 2.71 -10.37
C CYS B 176 -17.23 2.85 -11.17
N LYS B 177 -17.07 4.02 -11.78
CA LYS B 177 -15.87 4.38 -12.50
C LYS B 177 -14.64 4.38 -11.61
N LYS B 178 -14.76 4.90 -10.39
CA LYS B 178 -13.59 5.00 -9.53
C LYS B 178 -13.25 3.69 -8.81
N LYS B 179 -14.24 2.83 -8.62
CA LYS B 179 -13.99 1.56 -7.95
C LYS B 179 -13.73 0.46 -8.97
N GLU B 180 -14.78 -0.06 -9.57
CA GLU B 180 -14.65 -1.16 -10.52
C GLU B 180 -13.94 -0.69 -11.79
N GLY B 181 -14.20 0.55 -12.21
CA GLY B 181 -13.60 1.11 -13.41
C GLY B 181 -12.09 1.17 -13.29
N THR B 182 -11.59 1.82 -12.23
CA THR B 182 -10.15 1.96 -12.08
C THR B 182 -9.50 0.61 -11.87
N LEU B 183 -10.19 -0.31 -11.20
CA LEU B 183 -9.61 -1.63 -10.96
C LEU B 183 -9.32 -2.36 -12.26
N HIS B 184 -10.28 -2.39 -13.19
CA HIS B 184 -10.07 -2.98 -14.51
C HIS B 184 -9.08 -2.22 -15.37
N ALA B 185 -9.17 -0.88 -15.35
CA ALA B 185 -8.23 -0.02 -16.05
C ALA B 185 -6.78 -0.37 -15.64
N CYS B 186 -6.56 -0.51 -14.34
CA CYS B 186 -5.23 -0.86 -13.83
C CYS B 186 -4.78 -2.24 -14.24
N GLY B 187 -5.68 -3.21 -14.10
CA GLY B 187 -5.42 -4.57 -14.54
C GLY B 187 -5.03 -4.65 -16.01
N ALA B 188 -5.80 -4.00 -16.86
CA ALA B 188 -5.53 -3.99 -18.29
C ALA B 188 -4.19 -3.33 -18.57
N ALA B 189 -3.99 -2.12 -18.03
CA ALA B 189 -2.77 -1.36 -18.23
C ALA B 189 -1.52 -2.10 -17.73
N CYS B 190 -1.61 -2.75 -16.58
CA CYS B 190 -0.54 -3.63 -16.08
C CYS B 190 -0.28 -4.77 -17.05
N GLY B 191 -1.37 -5.36 -17.54
CA GLY B 191 -1.29 -6.39 -18.57
C GLY B 191 -0.44 -5.91 -19.72
N ALA B 192 -0.82 -4.77 -20.29
CA ALA B 192 -0.11 -4.17 -21.42
C ALA B 192 1.35 -3.89 -21.10
N ILE B 193 1.60 -3.22 -19.97
CA ILE B 193 2.96 -2.85 -19.58
C ILE B 193 3.85 -4.09 -19.51
N LEU B 194 3.34 -5.14 -18.86
CA LEU B 194 4.16 -6.32 -18.62
C LEU B 194 4.35 -7.21 -19.84
N GLY B 195 3.39 -7.13 -20.76
CA GLY B 195 3.46 -7.86 -22.01
C GLY B 195 4.42 -7.14 -22.95
N GLY B 196 4.62 -5.85 -22.69
CA GLY B 196 5.57 -5.04 -23.42
C GLY B 196 5.04 -4.47 -24.72
N CYS B 197 4.18 -3.46 -24.62
CA CYS B 197 3.85 -2.66 -25.81
C CYS B 197 4.19 -1.19 -25.56
N ASP B 198 3.72 -0.32 -26.43
CA ASP B 198 4.08 1.10 -26.36
C ASP B 198 3.05 1.95 -25.60
N GLU B 199 3.43 3.20 -25.36
CA GLU B 199 2.60 4.20 -24.70
C GLU B 199 1.16 4.25 -25.22
N ASP B 200 1.02 4.23 -26.54
CA ASP B 200 -0.27 4.37 -27.21
C ASP B 200 -1.18 3.20 -26.90
N LYS B 201 -0.62 2.00 -26.92
CA LYS B 201 -1.42 0.80 -26.78
C LYS B 201 -1.77 0.53 -25.32
N ILE B 202 -0.92 0.99 -24.40
CA ILE B 202 -1.18 0.89 -22.96
C ILE B 202 -2.43 1.69 -22.60
N GLU B 203 -2.48 2.94 -23.06
CA GLU B 203 -3.59 3.83 -22.77
C GLU B 203 -4.89 3.33 -23.39
N LYS B 204 -4.78 2.67 -24.53
CA LYS B 204 -5.94 2.07 -25.18
C LYS B 204 -6.52 0.94 -24.32
N LEU B 205 -5.64 0.09 -23.78
CA LEU B 205 -6.06 -0.98 -22.88
C LEU B 205 -6.52 -0.45 -21.52
N ARG B 206 -5.89 0.63 -21.04
CA ARG B 206 -6.34 1.24 -19.80
C ARG B 206 -7.76 1.80 -19.95
N ARG B 207 -8.01 2.48 -21.06
CA ARG B 207 -9.35 2.98 -21.35
C ARG B 207 -10.31 1.80 -21.50
N PHE B 208 -9.90 0.79 -22.25
CA PHE B 208 -10.72 -0.43 -22.37
C PHE B 208 -11.12 -0.95 -21.00
N GLY B 209 -10.15 -1.05 -20.09
CA GLY B 209 -10.40 -1.51 -18.73
C GLY B 209 -11.38 -0.63 -18.02
N LEU B 210 -11.17 0.68 -18.11
CA LEU B 210 -12.08 1.63 -17.49
C LEU B 210 -13.54 1.44 -17.92
N TYR B 211 -13.77 1.28 -19.22
CA TYR B 211 -15.15 1.19 -19.70
C TYR B 211 -15.79 -0.10 -19.18
N VAL B 212 -15.10 -1.22 -19.37
CA VAL B 212 -15.63 -2.50 -18.90
C VAL B 212 -15.75 -2.62 -17.38
N GLY B 213 -14.79 -2.03 -16.65
CA GLY B 213 -14.89 -1.96 -15.20
C GLY B 213 -16.09 -1.16 -14.75
N THR B 214 -16.32 -0.02 -15.42
CA THR B 214 -17.49 0.82 -15.13
C THR B 214 -18.79 0.07 -15.39
N VAL B 215 -18.83 -0.72 -16.47
CA VAL B 215 -19.96 -1.63 -16.72
C VAL B 215 -20.16 -2.64 -15.58
N GLN B 216 -19.07 -3.27 -15.14
CA GLN B 216 -19.14 -4.26 -14.05
C GLN B 216 -19.72 -3.66 -12.77
N GLY B 217 -19.31 -2.43 -12.44
CA GLY B 217 -19.85 -1.74 -11.28
C GLY B 217 -21.33 -1.40 -11.39
N LEU B 218 -21.74 -0.91 -12.56
CA LEU B 218 -23.13 -0.54 -12.79
C LEU B 218 -24.02 -1.78 -12.72
N LEU B 219 -23.56 -2.85 -13.37
CA LEU B 219 -24.23 -4.15 -13.33
C LEU B 219 -24.36 -4.68 -11.91
N GLY B 220 -23.31 -4.53 -11.12
CA GLY B 220 -23.32 -4.94 -9.72
C GLY B 220 -24.27 -4.15 -8.82
N LYS B 221 -25.24 -3.48 -9.43
CA LYS B 221 -26.27 -2.72 -8.72
C LYS B 221 -27.65 -2.99 -9.30
N ASN B 222 -27.76 -2.78 -10.58
CA ASN B 222 -28.95 -3.11 -11.29
C ASN B 222 -30.12 -2.35 -10.71
N ARG B 223 -29.87 -1.24 -10.01
CA ARG B 223 -30.99 -0.50 -9.48
C ARG B 223 -31.30 0.56 -10.48
N SER B 224 -32.40 0.28 -11.16
CA SER B 224 -32.99 1.03 -12.25
C SER B 224 -32.25 1.28 -13.53
N GLY B 225 -32.30 2.53 -13.95
CA GLY B 225 -32.02 2.86 -15.31
C GLY B 225 -30.65 3.09 -15.83
N PHE B 226 -29.86 2.05 -15.88
CA PHE B 226 -28.51 2.25 -16.40
C PHE B 226 -28.31 1.63 -17.79
N GLU B 227 -29.23 0.74 -18.19
CA GLU B 227 -29.08 -0.04 -19.43
C GLU B 227 -28.68 0.80 -20.65
N GLY B 228 -29.19 2.02 -20.74
CA GLY B 228 -28.80 2.96 -21.78
C GLY B 228 -27.32 3.30 -21.77
N ARG B 229 -26.82 3.72 -20.61
CA ARG B 229 -25.40 4.05 -20.45
C ARG B 229 -24.47 2.84 -20.63
N ILE B 230 -24.91 1.68 -20.14
CA ILE B 230 -24.15 0.43 -20.27
C ILE B 230 -23.86 0.04 -21.73
N LYS B 231 -24.81 0.25 -22.64
CA LYS B 231 -24.59 -0.03 -24.06
C LYS B 231 -23.61 0.97 -24.69
N GLU B 232 -23.68 2.22 -24.24
CA GLU B 232 -22.77 3.29 -24.66
C GLU B 232 -21.32 2.98 -24.26
N LEU B 233 -21.14 2.43 -23.05
CA LEU B 233 -19.81 2.07 -22.56
C LEU B 233 -19.25 0.82 -23.25
N LYS B 234 -20.11 -0.15 -23.54
CA LYS B 234 -19.70 -1.36 -24.25
C LYS B 234 -19.11 -1.10 -25.63
N GLU B 235 -19.73 -0.19 -26.40
CA GLU B 235 -19.20 0.14 -27.74
C GLU B 235 -17.91 0.96 -27.66
N LEU B 236 -17.78 1.80 -26.63
CA LEU B 236 -16.51 2.43 -26.30
C LEU B 236 -15.41 1.39 -26.07
N ALA B 237 -15.75 0.32 -25.36
CA ALA B 237 -14.81 -0.77 -25.11
C ALA B 237 -14.40 -1.48 -26.40
N VAL B 238 -15.36 -1.82 -27.25
CA VAL B 238 -15.07 -2.44 -28.55
C VAL B 238 -14.14 -1.53 -29.36
N LYS B 239 -14.48 -0.24 -29.43
CA LYS B 239 -13.66 0.73 -30.15
C LYS B 239 -12.19 0.64 -29.79
N GLU B 240 -11.90 0.56 -28.49
CA GLU B 240 -10.52 0.43 -28.01
C GLU B 240 -9.84 -0.83 -28.58
N LEU B 241 -10.60 -1.92 -28.65
CA LEU B 241 -10.08 -3.19 -29.14
C LEU B 241 -9.65 -3.22 -30.60
N GLU B 242 -10.25 -2.36 -31.43
CA GLU B 242 -9.76 -2.16 -32.81
C GLU B 242 -8.27 -1.81 -32.72
N SER B 243 -7.47 -2.30 -33.66
CA SER B 243 -6.00 -2.09 -33.67
C SER B 243 -5.21 -3.07 -32.78
N PHE B 244 -5.92 -3.88 -32.00
CA PHE B 244 -5.33 -5.09 -31.43
C PHE B 244 -5.78 -6.26 -32.28
N GLY B 245 -4.98 -7.32 -32.29
CA GLY B 245 -5.32 -8.50 -33.08
C GLY B 245 -5.13 -9.81 -32.36
N GLY B 246 -5.51 -10.88 -33.04
CA GLY B 246 -5.27 -12.22 -32.55
C GLY B 246 -6.48 -12.92 -31.96
N GLU B 247 -6.25 -14.16 -31.56
CA GLU B 247 -7.25 -15.04 -30.93
C GLU B 247 -7.85 -14.45 -29.65
N LYS B 248 -7.00 -13.83 -28.84
CA LYS B 248 -7.40 -13.35 -27.52
C LYS B 248 -8.49 -12.28 -27.57
N ILE B 249 -8.62 -11.59 -28.71
CA ILE B 249 -9.65 -10.56 -28.87
C ILE B 249 -11.07 -11.11 -28.68
N GLU B 250 -11.36 -12.26 -29.31
CA GLU B 250 -12.67 -12.91 -29.19
C GLU B 250 -12.96 -13.34 -27.76
N LEU B 251 -11.92 -13.84 -27.08
CA LEU B 251 -12.02 -14.33 -25.72
C LEU B 251 -12.32 -13.19 -24.72
N ILE B 252 -11.58 -12.09 -24.85
CA ILE B 252 -11.80 -10.88 -24.07
C ILE B 252 -13.19 -10.26 -24.33
N ARG B 253 -13.61 -10.22 -25.60
CA ARG B 253 -14.96 -9.76 -25.95
C ARG B 253 -16.01 -10.67 -25.31
N GLY B 254 -15.71 -11.97 -25.27
CA GLY B 254 -16.58 -12.94 -24.62
C GLY B 254 -16.70 -12.71 -23.13
N VAL B 255 -15.55 -12.68 -22.44
CA VAL B 255 -15.49 -12.52 -20.99
C VAL B 255 -16.30 -11.32 -20.55
N PHE B 256 -16.26 -10.25 -21.35
CA PHE B 256 -16.94 -9.02 -20.99
C PHE B 256 -18.19 -8.74 -21.82
N GLU B 257 -18.59 -9.74 -22.60
CA GLU B 257 -19.89 -9.75 -23.30
C GLU B 257 -20.09 -8.56 -24.22
N LEU B 258 -19.11 -8.34 -25.09
CA LEU B 258 -19.16 -7.28 -26.08
C LEU B 258 -19.40 -7.91 -27.45
#